data_6VU0
#
_entry.id   6VU0
#
_cell.length_a   136.460
_cell.length_b   136.460
_cell.length_c   183.580
_cell.angle_alpha   90.000
_cell.angle_beta   90.000
_cell.angle_gamma   90.000
#
_symmetry.space_group_name_H-M   'P 41 2 2'
#
loop_
_entity.id
_entity.type
_entity.pdbx_description
1 polymer 'PEP-protein phosphotransferase system enzyme I'
2 non-polymer 'SULFATE ION'
#
_entity_poly.entity_id   1
_entity_poly.type   'polypeptide(L)'
_entity_poly.pdbx_seq_one_letter_code
;MAITLDGHQVEVCANIGTVRDVEGAERNGAEGVGLYRTEFLFMDRDALPTEEEQFAAYKAVAEACGSQAVIVRTMDIGGD
KELPYMNFPKEENPFLGWRAIRIAMDRREILRDQLRAILRASAFGKLRIMFPMIISVEEVRALRKEIEIYKQELRDEGKA
FDESIEIGVMVETPAAATIARHLAKEVDFFSIGTNDLTQYTLAVDRGNDMISHLYQPMSPSVLNLIKQVIDASHAEGKWT
GMCGELAGDERATLLLLGMGLDEFSMSAISIPRIKKIIRNTNFEDAKVLAEQALAQPTTDELMTLVNKFIEEKTIC
;
_entity_poly.pdbx_strand_id   A,B
#
loop_
_chem_comp.id
_chem_comp.type
_chem_comp.name
_chem_comp.formula
SO4 non-polymer 'SULFATE ION' 'O4 S -2'
#
# COMPACT_ATOMS: atom_id res chain seq x y z
N ALA A 2 29.78 15.13 -1.58
CA ALA A 2 28.47 14.94 -0.98
C ALA A 2 28.57 14.29 0.39
N ILE A 3 29.28 14.92 1.31
CA ILE A 3 29.41 14.42 2.68
C ILE A 3 29.15 15.57 3.63
N THR A 4 28.50 15.26 4.75
CA THR A 4 28.03 16.26 5.69
C THR A 4 29.20 16.85 6.50
N LEU A 5 28.87 17.87 7.29
CA LEU A 5 29.87 18.53 8.13
C LEU A 5 30.38 17.61 9.23
N ASP A 6 29.65 16.55 9.56
CA ASP A 6 30.09 15.57 10.53
C ASP A 6 30.52 14.27 9.86
N GLY A 7 30.55 14.23 8.53
CA GLY A 7 31.19 13.15 7.81
C GLY A 7 30.29 12.03 7.33
N HIS A 8 28.99 12.27 7.14
CA HIS A 8 28.10 11.26 6.61
C HIS A 8 28.06 11.40 5.09
N GLN A 9 28.43 10.34 4.38
CA GLN A 9 28.52 10.34 2.92
C GLN A 9 27.24 9.76 2.34
N VAL A 10 26.69 10.44 1.32
CA VAL A 10 25.48 10.03 0.65
C VAL A 10 25.66 10.26 -0.85
N GLU A 11 25.69 9.18 -1.62
CA GLU A 11 25.89 9.26 -3.06
C GLU A 11 24.74 10.00 -3.74
N VAL A 12 25.05 11.14 -4.37
CA VAL A 12 24.06 11.97 -5.05
C VAL A 12 24.26 11.77 -6.56
N CYS A 13 23.22 11.29 -7.23
CA CYS A 13 23.32 10.87 -8.63
C CYS A 13 22.31 11.64 -9.49
N ALA A 14 22.20 11.22 -10.75
CA ALA A 14 21.28 11.80 -11.71
C ALA A 14 20.36 10.73 -12.28
N ASN A 15 19.21 11.16 -12.77
CA ASN A 15 18.33 10.33 -13.58
C ASN A 15 18.52 10.65 -15.04
N ILE A 16 18.58 9.62 -15.88
CA ILE A 16 18.82 9.79 -17.31
C ILE A 16 17.82 8.94 -18.08
N GLY A 17 17.53 9.37 -19.30
CA GLY A 17 16.60 8.67 -20.16
C GLY A 17 17.28 8.15 -21.42
N THR A 18 18.42 8.75 -21.76
CA THR A 18 19.18 8.34 -22.93
C THR A 18 20.62 8.77 -22.74
N VAL A 19 21.48 8.35 -23.68
CA VAL A 19 22.90 8.66 -23.57
C VAL A 19 23.12 10.16 -23.47
N ARG A 20 22.41 10.94 -24.28
CA ARG A 20 22.64 12.38 -24.33
C ARG A 20 22.60 12.99 -22.94
N ASP A 21 21.55 12.67 -22.17
CA ASP A 21 21.37 13.27 -20.85
C ASP A 21 22.58 13.06 -19.95
N VAL A 22 23.40 12.04 -20.21
CA VAL A 22 24.59 11.80 -19.39
C VAL A 22 25.48 13.03 -19.39
N GLU A 23 25.67 13.65 -20.57
CA GLU A 23 26.50 14.85 -20.66
C GLU A 23 26.01 15.92 -19.69
N GLY A 24 24.74 16.31 -19.82
CA GLY A 24 24.18 17.30 -18.93
C GLY A 24 24.28 16.90 -17.47
N ALA A 25 24.21 15.59 -17.19
CA ALA A 25 24.35 15.12 -15.82
C ALA A 25 25.74 15.44 -15.29
N GLU A 26 26.77 15.05 -16.06
CA GLU A 26 28.14 15.24 -15.60
C GLU A 26 28.51 16.71 -15.54
N ARG A 27 27.97 17.52 -16.45
CA ARG A 27 28.20 18.96 -16.39
C ARG A 27 27.72 19.55 -15.07
N ASN A 28 26.70 18.94 -14.45
CA ASN A 28 26.10 19.45 -13.22
C ASN A 28 26.67 18.78 -11.96
N GLY A 29 27.71 17.97 -12.10
CA GLY A 29 28.32 17.37 -10.93
C GLY A 29 27.70 16.08 -10.45
N ALA A 30 27.08 15.30 -11.34
CA ALA A 30 26.50 14.03 -10.94
C ALA A 30 27.60 13.09 -10.47
N GLU A 31 27.36 12.43 -9.33
CA GLU A 31 28.29 11.46 -8.78
C GLU A 31 27.98 10.04 -9.24
N GLY A 32 27.15 9.90 -10.26
CA GLY A 32 26.75 8.61 -10.76
C GLY A 32 25.39 8.73 -11.42
N VAL A 33 24.87 7.58 -11.84
CA VAL A 33 23.53 7.50 -12.42
C VAL A 33 22.70 6.63 -11.49
N GLY A 34 21.75 7.26 -10.80
CA GLY A 34 20.87 6.55 -9.90
C GLY A 34 19.68 5.89 -10.56
N LEU A 35 19.44 6.20 -11.83
CA LEU A 35 18.33 5.59 -12.57
C LEU A 35 18.55 5.81 -14.05
N TYR A 36 18.67 4.73 -14.81
CA TYR A 36 18.71 4.79 -16.27
C TYR A 36 17.37 4.26 -16.79
N ARG A 37 16.50 5.18 -17.21
CA ARG A 37 15.24 4.78 -17.83
C ARG A 37 15.50 4.13 -19.18
N THR A 38 15.09 2.87 -19.33
CA THR A 38 15.32 2.12 -20.56
C THR A 38 14.09 2.12 -21.46
N GLU A 39 13.12 3.01 -21.20
CA GLU A 39 11.91 3.06 -22.02
C GLU A 39 12.20 3.66 -23.39
N PHE A 40 13.16 4.59 -23.49
CA PHE A 40 13.45 5.22 -24.77
C PHE A 40 13.71 4.18 -25.87
N LEU A 41 14.32 3.05 -25.51
CA LEU A 41 14.65 2.04 -26.51
C LEU A 41 13.43 1.26 -26.96
N PHE A 42 12.48 1.02 -26.06
CA PHE A 42 11.30 0.21 -26.36
C PHE A 42 10.19 1.01 -27.02
N MET A 43 9.99 2.26 -26.61
CA MET A 43 8.91 3.06 -27.14
C MET A 43 9.23 3.56 -28.55
N ASP A 44 8.18 3.85 -29.31
CA ASP A 44 8.27 4.44 -30.63
C ASP A 44 9.18 3.60 -31.54
N ARG A 45 8.80 2.32 -31.67
CA ARG A 45 9.45 1.40 -32.59
C ARG A 45 8.37 0.55 -33.24
N ASP A 46 8.77 -0.24 -34.21
CA ASP A 46 7.88 -1.23 -34.83
C ASP A 46 8.23 -2.65 -34.44
N ALA A 47 9.34 -2.85 -33.74
CA ALA A 47 9.75 -4.15 -33.22
C ALA A 47 10.49 -3.91 -31.92
N LEU A 48 10.51 -4.93 -31.07
CA LEU A 48 11.21 -4.81 -29.81
C LEU A 48 12.68 -4.45 -30.07
N PRO A 49 13.28 -3.59 -29.26
CA PRO A 49 14.69 -3.25 -29.48
C PRO A 49 15.57 -4.48 -29.32
N THR A 50 16.24 -4.84 -30.41
CA THR A 50 17.05 -6.05 -30.43
C THR A 50 18.10 -6.01 -29.34
N GLU A 51 18.59 -7.19 -28.97
CA GLU A 51 19.62 -7.27 -27.94
C GLU A 51 20.86 -6.48 -28.33
N GLU A 52 21.17 -6.40 -29.62
CA GLU A 52 22.39 -5.72 -30.04
C GLU A 52 22.26 -4.21 -29.86
N GLU A 53 21.11 -3.66 -30.23
CA GLU A 53 20.88 -2.22 -30.03
C GLU A 53 20.90 -1.88 -28.54
N GLN A 54 20.23 -2.69 -27.71
CA GLN A 54 20.25 -2.47 -26.27
C GLN A 54 21.68 -2.53 -25.73
N PHE A 55 22.45 -3.50 -26.19
CA PHE A 55 23.84 -3.62 -25.74
C PHE A 55 24.64 -2.38 -26.15
N ALA A 56 24.41 -1.89 -27.37
CA ALA A 56 25.10 -0.68 -27.82
C ALA A 56 24.78 0.50 -26.90
N ALA A 57 23.50 0.68 -26.57
CA ALA A 57 23.11 1.80 -25.73
C ALA A 57 23.71 1.69 -24.33
N TYR A 58 23.63 0.50 -23.73
CA TYR A 58 24.14 0.32 -22.38
C TYR A 58 25.66 0.49 -22.35
N LYS A 59 26.35 -0.01 -23.39
CA LYS A 59 27.78 0.24 -23.54
C LYS A 59 28.07 1.72 -23.62
N ALA A 60 27.31 2.45 -24.45
CA ALA A 60 27.51 3.88 -24.59
C ALA A 60 27.46 4.57 -23.23
N VAL A 61 26.42 4.28 -22.45
CA VAL A 61 26.28 4.95 -21.16
C VAL A 61 27.40 4.53 -20.20
N ALA A 62 27.65 3.22 -20.12
CA ALA A 62 28.69 2.71 -19.22
C ALA A 62 30.02 3.39 -19.48
N GLU A 63 30.36 3.58 -20.76
CA GLU A 63 31.64 4.20 -21.10
C GLU A 63 31.60 5.71 -20.93
N ALA A 64 30.44 6.33 -21.12
CA ALA A 64 30.31 7.76 -20.90
C ALA A 64 30.50 8.14 -19.45
N CYS A 65 30.15 7.24 -18.52
CA CYS A 65 30.24 7.57 -17.10
C CYS A 65 31.68 7.48 -16.58
N GLY A 66 32.37 6.39 -16.89
CA GLY A 66 33.74 6.21 -16.42
C GLY A 66 33.78 5.39 -15.14
N SER A 67 34.30 6.00 -14.07
CA SER A 67 34.40 5.30 -12.78
C SER A 67 33.07 5.20 -12.06
N GLN A 68 32.06 5.94 -12.53
CA GLN A 68 30.77 5.96 -11.86
C GLN A 68 29.96 4.70 -12.15
N ALA A 69 29.07 4.37 -11.23
CA ALA A 69 28.15 3.25 -11.40
C ALA A 69 26.84 3.72 -12.01
N VAL A 70 26.26 2.85 -12.84
CA VAL A 70 25.01 3.15 -13.55
C VAL A 70 23.99 2.09 -13.19
N ILE A 71 22.83 2.51 -12.74
CA ILE A 71 21.73 1.62 -12.37
C ILE A 71 20.77 1.57 -13.56
N VAL A 72 20.66 0.40 -14.17
CA VAL A 72 19.73 0.19 -15.28
C VAL A 72 18.40 -0.29 -14.72
N ARG A 73 17.32 0.35 -15.15
CA ARG A 73 15.96 -0.01 -14.74
C ARG A 73 15.35 -0.84 -15.85
N THR A 74 15.20 -2.15 -15.62
CA THR A 74 14.55 -3.01 -16.61
C THR A 74 13.22 -2.38 -17.00
N MET A 75 12.68 -2.81 -18.14
CA MET A 75 11.50 -2.17 -18.73
C MET A 75 10.43 -1.90 -17.68
N ASP A 76 9.90 -0.68 -17.69
CA ASP A 76 8.83 -0.26 -16.78
C ASP A 76 7.71 0.43 -17.55
N ILE A 77 7.21 -0.24 -18.58
CA ILE A 77 6.11 0.26 -19.41
C ILE A 77 4.80 -0.30 -18.87
N GLY A 78 3.69 0.17 -19.39
CA GLY A 78 2.40 -0.36 -18.99
C GLY A 78 1.31 -0.07 -19.99
N GLY A 79 0.06 -0.12 -19.51
CA GLY A 79 -1.08 0.07 -20.40
C GLY A 79 -1.22 1.48 -20.94
N ASP A 80 -1.06 2.48 -20.07
CA ASP A 80 -1.26 3.87 -20.49
C ASP A 80 -0.41 4.19 -21.72
N LYS A 81 0.90 3.96 -21.62
CA LYS A 81 1.82 4.13 -22.74
C LYS A 81 1.42 3.29 -23.94
N GLU A 82 0.92 3.93 -25.00
CA GLU A 82 0.37 3.24 -26.16
C GLU A 82 1.52 2.78 -27.04
N LEU A 83 1.80 1.48 -27.00
CA LEU A 83 2.82 0.85 -27.83
C LEU A 83 2.08 0.07 -28.90
N PRO A 84 2.12 0.48 -30.18
CA PRO A 84 1.21 -0.15 -31.15
C PRO A 84 1.57 -1.59 -31.49
N TYR A 85 2.86 -1.94 -31.50
CA TYR A 85 3.26 -3.31 -31.80
C TYR A 85 3.12 -4.26 -30.61
N MET A 86 2.63 -3.80 -29.46
CA MET A 86 2.54 -4.65 -28.29
C MET A 86 1.18 -5.29 -28.08
N ASN A 87 0.15 -4.87 -28.81
CA ASN A 87 -1.19 -5.46 -28.71
C ASN A 87 -1.66 -5.54 -27.26
N PHE A 88 -1.72 -4.38 -26.62
CA PHE A 88 -2.09 -4.32 -25.21
C PHE A 88 -3.56 -4.71 -24.98
N PRO A 89 -3.89 -5.20 -23.78
CA PRO A 89 -5.31 -5.36 -23.41
C PRO A 89 -5.83 -4.18 -22.60
N LYS A 90 -7.11 -3.85 -22.76
CA LYS A 90 -7.72 -2.81 -21.95
C LYS A 90 -7.99 -3.31 -20.54
N GLU A 91 -7.73 -2.45 -19.55
CA GLU A 91 -7.82 -2.79 -18.14
C GLU A 91 -8.66 -1.75 -17.41
N GLU A 92 -9.49 -2.21 -16.47
CA GLU A 92 -10.31 -1.27 -15.70
C GLU A 92 -9.44 -0.29 -14.92
N ASN A 93 -8.25 -0.73 -14.50
CA ASN A 93 -7.33 0.09 -13.71
C ASN A 93 -5.94 -0.11 -14.27
N PRO A 94 -5.60 0.55 -15.38
CA PRO A 94 -4.28 0.32 -15.99
C PRO A 94 -3.14 0.60 -15.03
N PHE A 95 -3.29 1.59 -14.15
CA PHE A 95 -2.26 1.91 -13.17
C PHE A 95 -2.00 0.75 -12.21
N LEU A 96 -2.88 -0.24 -12.19
CA LEU A 96 -2.78 -1.36 -11.25
C LEU A 96 -2.76 -2.71 -11.97
N GLY A 97 -2.44 -2.72 -13.27
CA GLY A 97 -2.62 -3.91 -14.06
C GLY A 97 -1.39 -4.46 -14.76
N TRP A 98 -1.52 -4.64 -16.08
CA TRP A 98 -0.54 -5.32 -16.91
C TRP A 98 0.59 -4.36 -17.26
N ARG A 99 1.62 -4.29 -16.42
CA ARG A 99 2.68 -3.32 -16.63
C ARG A 99 3.95 -3.74 -15.91
N ALA A 100 5.03 -3.02 -16.21
CA ALA A 100 6.33 -3.17 -15.58
C ALA A 100 6.81 -4.62 -15.59
N ILE A 101 7.55 -5.00 -14.55
CA ILE A 101 8.18 -6.32 -14.43
C ILE A 101 7.25 -7.43 -14.90
N ARG A 102 5.96 -7.33 -14.58
CA ARG A 102 5.05 -8.41 -14.92
C ARG A 102 5.03 -8.67 -16.41
N ILE A 103 4.90 -7.62 -17.23
CA ILE A 103 5.04 -7.81 -18.68
C ILE A 103 6.31 -8.62 -18.97
N ALA A 104 7.45 -8.11 -18.51
CA ALA A 104 8.72 -8.79 -18.74
C ALA A 104 8.61 -10.27 -18.38
N MET A 105 8.02 -10.58 -17.24
CA MET A 105 8.06 -11.96 -16.75
C MET A 105 7.23 -12.88 -17.64
N ASP A 106 6.09 -12.39 -18.16
CA ASP A 106 5.25 -13.26 -18.98
C ASP A 106 5.58 -13.18 -20.46
N ARG A 107 6.27 -12.14 -20.89
CA ARG A 107 6.81 -12.02 -22.24
C ARG A 107 8.34 -12.19 -22.12
N ARG A 108 8.76 -13.44 -22.02
CA ARG A 108 10.14 -13.71 -21.62
C ARG A 108 11.16 -13.20 -22.62
N GLU A 109 10.77 -13.01 -23.88
CA GLU A 109 11.69 -12.44 -24.86
C GLU A 109 12.29 -11.13 -24.36
N ILE A 110 11.44 -10.25 -23.82
CA ILE A 110 11.91 -8.95 -23.34
C ILE A 110 12.96 -9.14 -22.26
N LEU A 111 12.62 -9.92 -21.24
CA LEU A 111 13.56 -10.22 -20.16
C LEU A 111 14.88 -10.72 -20.72
N ARG A 112 14.83 -11.78 -21.51
CA ARG A 112 16.05 -12.38 -22.04
C ARG A 112 16.91 -11.35 -22.77
N ASP A 113 16.33 -10.66 -23.76
CA ASP A 113 17.06 -9.66 -24.52
C ASP A 113 17.73 -8.65 -23.58
N GLN A 114 16.93 -8.00 -22.74
CA GLN A 114 17.45 -6.88 -21.96
C GLN A 114 18.47 -7.35 -20.94
N LEU A 115 18.22 -8.46 -20.24
CA LEU A 115 19.16 -8.92 -19.23
C LEU A 115 20.48 -9.34 -19.87
N ARG A 116 20.44 -10.06 -21.00
CA ARG A 116 21.68 -10.40 -21.67
C ARG A 116 22.44 -9.16 -22.13
N ALA A 117 21.72 -8.18 -22.69
CA ALA A 117 22.37 -6.94 -23.12
C ALA A 117 23.05 -6.25 -21.95
N ILE A 118 22.35 -6.13 -20.82
CA ILE A 118 22.93 -5.45 -19.66
C ILE A 118 24.14 -6.22 -19.14
N LEU A 119 24.04 -7.55 -19.09
CA LEU A 119 25.16 -8.35 -18.62
C LEU A 119 26.37 -8.15 -19.53
N ARG A 120 26.17 -8.15 -20.84
CA ARG A 120 27.28 -7.93 -21.76
C ARG A 120 27.89 -6.54 -21.56
N ALA A 121 27.03 -5.51 -21.44
CA ALA A 121 27.52 -4.15 -21.28
C ALA A 121 28.24 -3.94 -19.94
N SER A 122 27.95 -4.77 -18.94
CA SER A 122 28.59 -4.61 -17.64
C SER A 122 30.10 -4.82 -17.70
N ALA A 123 30.63 -5.36 -18.79
CA ALA A 123 32.06 -5.56 -18.91
C ALA A 123 32.83 -4.28 -19.19
N PHE A 124 32.13 -3.18 -19.47
CA PHE A 124 32.75 -1.91 -19.82
C PHE A 124 32.42 -0.81 -18.82
N GLY A 125 31.90 -1.16 -17.65
CA GLY A 125 31.59 -0.20 -16.62
C GLY A 125 30.90 -0.90 -15.48
N LYS A 126 30.75 -0.18 -14.37
CA LYS A 126 30.09 -0.71 -13.18
C LYS A 126 28.58 -0.51 -13.36
N LEU A 127 27.90 -1.57 -13.80
CA LEU A 127 26.46 -1.54 -14.01
C LEU A 127 25.75 -2.30 -12.89
N ARG A 128 24.53 -1.84 -12.61
CA ARG A 128 23.64 -2.45 -11.63
C ARG A 128 22.28 -2.62 -12.29
N ILE A 129 21.59 -3.70 -11.94
CA ILE A 129 20.29 -4.02 -12.51
C ILE A 129 19.22 -3.79 -11.45
N MET A 130 18.15 -3.12 -11.84
CA MET A 130 17.05 -2.79 -10.94
C MET A 130 15.72 -3.15 -11.58
N PHE A 131 14.84 -3.78 -10.79
CA PHE A 131 13.54 -4.22 -11.29
C PHE A 131 12.42 -3.38 -10.69
N PRO A 132 11.44 -2.95 -11.49
CA PRO A 132 10.32 -2.18 -10.96
C PRO A 132 9.15 -3.05 -10.51
N MET A 133 8.26 -2.42 -9.73
CA MET A 133 6.95 -2.97 -9.39
C MET A 133 7.07 -4.31 -8.69
N ILE A 134 8.19 -4.59 -8.02
CA ILE A 134 8.31 -5.84 -7.30
C ILE A 134 7.34 -5.85 -6.13
N ILE A 135 6.64 -6.96 -5.96
CA ILE A 135 5.66 -7.12 -4.89
C ILE A 135 5.92 -8.34 -4.02
N SER A 136 6.69 -9.34 -4.46
CA SER A 136 6.81 -10.60 -3.74
C SER A 136 8.24 -11.10 -3.83
N VAL A 137 8.68 -11.77 -2.76
CA VAL A 137 10.00 -12.40 -2.76
C VAL A 137 10.06 -13.50 -3.82
N GLU A 138 8.92 -14.09 -4.16
CA GLU A 138 8.90 -15.12 -5.18
C GLU A 138 9.38 -14.58 -6.53
N GLU A 139 8.92 -13.39 -6.90
CA GLU A 139 9.37 -12.79 -8.14
C GLU A 139 10.88 -12.59 -8.15
N VAL A 140 11.43 -12.08 -7.05
CA VAL A 140 12.88 -11.84 -6.98
C VAL A 140 13.64 -13.15 -7.08
N ARG A 141 13.15 -14.21 -6.45
CA ARG A 141 13.84 -15.50 -6.56
C ARG A 141 13.81 -16.02 -8.00
N ALA A 142 12.64 -15.98 -8.63
CA ALA A 142 12.55 -16.39 -10.02
C ALA A 142 13.49 -15.56 -10.90
N LEU A 143 13.59 -14.27 -10.61
CA LEU A 143 14.41 -13.38 -11.40
C LEU A 143 15.89 -13.69 -11.21
N ARG A 144 16.29 -14.05 -9.98
CA ARG A 144 17.67 -14.48 -9.75
C ARG A 144 17.96 -15.76 -10.51
N LYS A 145 17.02 -16.71 -10.50
CA LYS A 145 17.19 -17.92 -11.31
C LYS A 145 17.42 -17.57 -12.77
N GLU A 146 16.59 -16.69 -13.33
CA GLU A 146 16.71 -16.33 -14.73
C GLU A 146 18.02 -15.59 -15.01
N ILE A 147 18.44 -14.72 -14.08
CA ILE A 147 19.69 -14.00 -14.24
C ILE A 147 20.86 -14.96 -14.29
N GLU A 148 20.87 -15.95 -13.39
CA GLU A 148 21.95 -16.93 -13.41
C GLU A 148 21.91 -17.77 -14.68
N ILE A 149 20.71 -18.11 -15.14
CA ILE A 149 20.58 -18.83 -16.41
C ILE A 149 21.27 -18.06 -17.52
N TYR A 150 20.98 -16.76 -17.64
CA TYR A 150 21.54 -15.98 -18.74
C TYR A 150 23.02 -15.68 -18.52
N LYS A 151 23.45 -15.56 -17.27
CA LYS A 151 24.87 -15.41 -16.97
C LYS A 151 25.65 -16.62 -17.47
N GLN A 152 25.15 -17.83 -17.17
CA GLN A 152 25.80 -19.03 -17.66
C GLN A 152 25.69 -19.12 -19.18
N GLU A 153 24.56 -18.71 -19.75
CA GLU A 153 24.41 -18.72 -21.20
C GLU A 153 25.46 -17.84 -21.87
N LEU A 154 25.79 -16.70 -21.25
CA LEU A 154 26.84 -15.85 -21.80
C LEU A 154 28.22 -16.47 -21.58
N ARG A 155 28.44 -17.11 -20.42
CA ARG A 155 29.71 -17.78 -20.19
C ARG A 155 29.97 -18.86 -21.23
N ASP A 156 28.98 -19.70 -21.50
CA ASP A 156 29.16 -20.76 -22.49
C ASP A 156 29.41 -20.20 -23.89
N GLU A 157 28.97 -18.97 -24.16
CA GLU A 157 29.27 -18.32 -25.42
C GLU A 157 30.62 -17.63 -25.44
N GLY A 158 31.30 -17.55 -24.29
CA GLY A 158 32.61 -16.93 -24.25
C GLY A 158 32.58 -15.42 -24.20
N LYS A 159 31.51 -14.83 -23.70
CA LYS A 159 31.39 -13.38 -23.57
C LYS A 159 31.63 -12.98 -22.13
N ALA A 160 32.36 -11.88 -21.94
CA ALA A 160 32.71 -11.40 -20.61
C ALA A 160 31.66 -10.46 -20.06
N PHE A 161 31.50 -10.51 -18.73
CA PHE A 161 30.53 -9.68 -18.02
C PHE A 161 30.98 -9.54 -16.58
N ASP A 162 30.37 -8.60 -15.87
CA ASP A 162 30.70 -8.34 -14.46
C ASP A 162 30.09 -9.45 -13.61
N GLU A 163 30.93 -10.38 -13.16
CA GLU A 163 30.44 -11.49 -12.34
C GLU A 163 29.91 -10.99 -11.00
N SER A 164 30.44 -9.87 -10.49
CA SER A 164 29.97 -9.27 -9.25
C SER A 164 28.87 -8.24 -9.49
N ILE A 165 28.15 -8.34 -10.61
CA ILE A 165 27.10 -7.37 -10.92
C ILE A 165 26.07 -7.34 -9.81
N GLU A 166 25.74 -6.14 -9.34
CA GLU A 166 24.81 -5.97 -8.24
C GLU A 166 23.38 -5.88 -8.76
N ILE A 167 22.45 -6.49 -8.04
CA ILE A 167 21.04 -6.54 -8.40
C ILE A 167 20.23 -5.86 -7.31
N GLY A 168 19.21 -5.10 -7.72
CA GLY A 168 18.40 -4.38 -6.76
C GLY A 168 16.95 -4.31 -7.18
N VAL A 169 16.13 -3.88 -6.23
CA VAL A 169 14.68 -3.76 -6.42
C VAL A 169 14.30 -2.29 -6.31
N MET A 170 13.37 -1.87 -7.17
CA MET A 170 12.76 -0.55 -7.05
C MET A 170 11.54 -0.71 -6.15
N VAL A 171 11.69 -0.34 -4.89
CA VAL A 171 10.61 -0.47 -3.91
C VAL A 171 9.58 0.62 -4.17
N GLU A 172 8.57 0.31 -4.99
CA GLU A 172 7.51 1.25 -5.28
C GLU A 172 6.13 0.71 -4.92
N THR A 173 6.04 -0.49 -4.34
CA THR A 173 4.79 -1.06 -3.89
C THR A 173 4.78 -1.19 -2.37
N PRO A 174 3.64 -0.96 -1.71
CA PRO A 174 3.60 -1.16 -0.25
C PRO A 174 3.97 -2.57 0.17
N ALA A 175 3.69 -3.57 -0.67
CA ALA A 175 4.07 -4.94 -0.35
C ALA A 175 5.58 -5.06 -0.17
N ALA A 176 6.35 -4.57 -1.16
CA ALA A 176 7.80 -4.62 -1.06
C ALA A 176 8.30 -3.87 0.15
N ALA A 177 7.63 -2.77 0.50
CA ALA A 177 8.04 -2.00 1.68
C ALA A 177 7.82 -2.78 2.96
N THR A 178 6.71 -3.52 3.04
CA THR A 178 6.41 -4.26 4.26
C THR A 178 7.29 -5.50 4.38
N ILE A 179 7.57 -6.16 3.26
CA ILE A 179 8.43 -7.35 3.26
C ILE A 179 9.83 -6.92 2.86
N ALA A 180 10.21 -5.70 3.22
CA ALA A 180 11.50 -5.15 2.79
C ALA A 180 12.67 -5.93 3.38
N ARG A 181 12.54 -6.38 4.62
CA ARG A 181 13.64 -7.07 5.27
C ARG A 181 14.00 -8.37 4.55
N HIS A 182 12.99 -9.10 4.08
CA HIS A 182 13.27 -10.37 3.41
C HIS A 182 13.82 -10.16 2.01
N LEU A 183 13.39 -9.09 1.31
CA LEU A 183 14.00 -8.78 0.02
C LEU A 183 15.44 -8.33 0.19
N ALA A 184 15.72 -7.55 1.23
CA ALA A 184 17.10 -7.12 1.49
C ALA A 184 18.01 -8.30 1.78
N LYS A 185 17.44 -9.45 2.15
CA LYS A 185 18.22 -10.66 2.32
C LYS A 185 18.60 -11.31 1.00
N GLU A 186 18.06 -10.81 -0.12
CA GLU A 186 18.27 -11.43 -1.42
C GLU A 186 18.96 -10.51 -2.44
N VAL A 187 18.71 -9.20 -2.40
CA VAL A 187 19.24 -8.29 -3.41
C VAL A 187 20.26 -7.37 -2.77
N ASP A 188 20.87 -6.49 -3.58
CA ASP A 188 21.97 -5.66 -3.13
C ASP A 188 21.56 -4.23 -2.77
N PHE A 189 20.50 -3.69 -3.35
CA PHE A 189 20.15 -2.30 -3.11
C PHE A 189 18.67 -2.07 -3.37
N PHE A 190 18.18 -0.96 -2.83
CA PHE A 190 16.82 -0.49 -3.07
C PHE A 190 16.84 0.92 -3.65
N SER A 191 15.78 1.25 -4.40
CA SER A 191 15.57 2.59 -4.93
C SER A 191 14.05 2.77 -4.98
N ILE A 192 13.50 3.63 -4.13
CA ILE A 192 12.07 3.53 -3.83
C ILE A 192 11.18 4.17 -4.90
N GLY A 193 11.64 5.23 -5.56
CA GLY A 193 10.80 5.89 -6.53
C GLY A 193 9.47 6.28 -5.92
N THR A 194 9.49 7.35 -5.11
CA THR A 194 8.36 7.67 -4.24
C THR A 194 7.03 7.73 -4.98
N ASN A 195 7.00 8.33 -6.17
CA ASN A 195 5.73 8.58 -6.86
C ASN A 195 4.76 7.41 -6.75
N ASP A 196 5.18 6.23 -7.20
CA ASP A 196 4.26 5.09 -7.22
C ASP A 196 4.01 4.55 -5.81
N LEU A 197 5.00 4.60 -4.93
CA LEU A 197 4.79 4.12 -3.57
C LEU A 197 3.71 4.94 -2.88
N THR A 198 3.80 6.27 -3.00
CA THR A 198 2.79 7.15 -2.43
C THR A 198 1.42 6.90 -3.05
N GLN A 199 1.36 6.82 -4.39
CA GLN A 199 0.07 6.60 -5.03
C GLN A 199 -0.57 5.29 -4.56
N TYR A 200 0.22 4.24 -4.39
CA TYR A 200 -0.36 2.95 -4.00
C TYR A 200 -0.70 2.93 -2.51
N THR A 201 0.12 3.57 -1.67
CA THR A 201 -0.13 3.54 -0.23
C THR A 201 -1.36 4.36 0.12
N LEU A 202 -1.49 5.54 -0.48
CA LEU A 202 -2.63 6.42 -0.23
C LEU A 202 -3.82 6.10 -1.11
N ALA A 203 -3.69 5.15 -2.03
CA ALA A 203 -4.78 4.75 -2.92
C ALA A 203 -5.35 5.97 -3.64
N VAL A 204 -4.46 6.74 -4.26
CA VAL A 204 -4.80 8.01 -4.89
C VAL A 204 -4.11 8.11 -6.24
N ASP A 205 -4.86 8.48 -7.27
CA ASP A 205 -4.33 8.69 -8.61
C ASP A 205 -3.98 10.16 -8.79
N ARG A 206 -2.70 10.45 -8.97
CA ARG A 206 -2.27 11.84 -9.13
C ARG A 206 -2.95 12.50 -10.31
N GLY A 207 -3.18 11.75 -11.39
CA GLY A 207 -3.79 12.30 -12.59
C GLY A 207 -5.30 12.33 -12.52
N ASN A 208 -5.84 12.43 -11.30
CA ASN A 208 -7.28 12.51 -11.06
C ASN A 208 -7.51 13.80 -10.28
N ASP A 209 -7.98 14.84 -10.99
CA ASP A 209 -8.06 16.17 -10.38
C ASP A 209 -9.01 16.18 -9.18
N MET A 210 -9.86 15.18 -9.04
CA MET A 210 -10.81 15.17 -7.93
C MET A 210 -10.10 14.93 -6.60
N ILE A 211 -8.97 14.24 -6.61
CA ILE A 211 -8.28 13.91 -5.37
C ILE A 211 -6.78 14.16 -5.48
N SER A 212 -6.38 14.96 -6.46
CA SER A 212 -4.96 15.29 -6.56
C SER A 212 -4.47 15.95 -5.27
N HIS A 213 -5.37 16.63 -4.56
CA HIS A 213 -5.02 17.25 -3.28
C HIS A 213 -4.65 16.23 -2.21
N LEU A 214 -4.86 14.93 -2.46
CA LEU A 214 -4.53 13.90 -1.50
C LEU A 214 -3.14 13.31 -1.69
N TYR A 215 -2.50 13.58 -2.83
CA TYR A 215 -1.13 13.10 -3.06
C TYR A 215 -0.19 13.90 -2.18
N GLN A 216 0.32 13.26 -1.13
CA GLN A 216 1.24 13.90 -0.19
C GLN A 216 2.38 12.93 0.11
N PRO A 217 3.47 12.98 -0.65
CA PRO A 217 4.61 12.11 -0.35
C PRO A 217 5.22 12.38 1.02
N MET A 218 4.90 13.51 1.63
CA MET A 218 5.45 13.89 2.93
C MET A 218 4.52 13.53 4.09
N SER A 219 3.62 12.53 3.89
CA SER A 219 2.71 12.11 4.94
C SER A 219 3.36 11.06 5.84
N PRO A 220 2.99 11.01 7.12
CA PRO A 220 3.68 10.09 8.04
C PRO A 220 3.64 8.64 7.59
N SER A 221 2.56 8.20 6.94
CA SER A 221 2.45 6.81 6.51
C SER A 221 3.55 6.46 5.51
N VAL A 222 3.59 7.19 4.38
CA VAL A 222 4.54 6.89 3.33
C VAL A 222 5.97 7.10 3.82
N LEU A 223 6.23 8.18 4.55
CA LEU A 223 7.58 8.44 5.04
C LEU A 223 8.04 7.38 6.02
N ASN A 224 7.13 6.85 6.85
CA ASN A 224 7.52 5.79 7.77
C ASN A 224 7.74 4.47 7.03
N LEU A 225 6.97 4.22 5.97
CA LEU A 225 7.29 3.09 5.10
C LEU A 225 8.70 3.23 4.53
N ILE A 226 9.06 4.44 4.09
CA ILE A 226 10.39 4.68 3.55
C ILE A 226 11.45 4.39 4.60
N LYS A 227 11.25 4.91 5.81
CA LYS A 227 12.19 4.65 6.89
C LYS A 227 12.29 3.15 7.19
N GLN A 228 11.17 2.43 7.09
CA GLN A 228 11.21 0.99 7.27
C GLN A 228 12.09 0.32 6.21
N VAL A 229 11.94 0.74 4.95
CA VAL A 229 12.76 0.17 3.88
C VAL A 229 14.24 0.49 4.11
N ILE A 230 14.53 1.74 4.50
CA ILE A 230 15.90 2.15 4.73
C ILE A 230 16.52 1.31 5.84
N ASP A 231 15.80 1.15 6.95
CA ASP A 231 16.30 0.37 8.08
C ASP A 231 16.42 -1.10 7.72
N ALA A 232 15.56 -1.60 6.83
CA ALA A 232 15.69 -2.97 6.36
C ALA A 232 16.99 -3.15 5.58
N SER A 233 17.28 -2.22 4.67
CA SER A 233 18.54 -2.29 3.93
C SER A 233 19.73 -2.24 4.88
N HIS A 234 19.71 -1.32 5.85
CA HIS A 234 20.82 -1.20 6.77
C HIS A 234 20.98 -2.44 7.64
N ALA A 235 19.87 -3.10 7.99
CA ALA A 235 19.95 -4.31 8.81
C ALA A 235 20.72 -5.40 8.11
N GLU A 236 20.73 -5.40 6.77
CA GLU A 236 21.45 -6.39 5.99
C GLU A 236 22.80 -5.90 5.50
N GLY A 237 23.30 -4.80 6.06
CA GLY A 237 24.58 -4.27 5.63
C GLY A 237 24.57 -3.70 4.24
N LYS A 238 23.40 -3.41 3.69
CA LYS A 238 23.24 -2.88 2.35
C LYS A 238 22.76 -1.42 2.45
N TRP A 239 22.23 -0.90 1.36
CA TRP A 239 21.89 0.52 1.28
C TRP A 239 20.60 0.71 0.47
N THR A 240 19.98 1.87 0.66
CA THR A 240 18.76 2.24 -0.03
C THR A 240 18.92 3.63 -0.63
N GLY A 241 18.43 3.79 -1.87
CA GLY A 241 18.40 5.08 -2.53
C GLY A 241 16.98 5.52 -2.85
N MET A 242 16.90 6.73 -3.41
CA MET A 242 15.64 7.28 -3.86
C MET A 242 15.84 7.93 -5.23
N CYS A 243 14.97 7.60 -6.18
CA CYS A 243 15.03 8.18 -7.51
C CYS A 243 13.73 8.88 -7.90
N GLY A 244 12.70 8.84 -7.05
CA GLY A 244 11.48 9.54 -7.33
C GLY A 244 11.67 11.05 -7.26
N GLU A 245 10.64 11.77 -7.70
CA GLU A 245 10.71 13.23 -7.68
C GLU A 245 11.07 13.77 -6.31
N LEU A 246 10.62 13.11 -5.23
CA LEU A 246 10.85 13.65 -3.90
C LEU A 246 12.34 13.81 -3.60
N ALA A 247 13.18 13.00 -4.23
CA ALA A 247 14.62 13.14 -4.01
C ALA A 247 15.11 14.52 -4.43
N GLY A 248 14.61 15.02 -5.56
CA GLY A 248 14.98 16.32 -6.05
C GLY A 248 14.28 17.48 -5.38
N ASP A 249 13.55 17.23 -4.30
CA ASP A 249 12.79 18.25 -3.59
C ASP A 249 13.63 18.76 -2.43
N GLU A 250 13.98 20.05 -2.47
CA GLU A 250 14.77 20.65 -1.40
C GLU A 250 14.03 20.70 -0.07
N ARG A 251 12.69 20.63 -0.08
CA ARG A 251 11.94 20.63 1.17
C ARG A 251 12.15 19.34 1.96
N ALA A 252 12.46 18.24 1.27
CA ALA A 252 12.58 16.93 1.89
C ALA A 252 14.02 16.45 2.01
N THR A 253 14.98 17.16 1.41
CA THR A 253 16.34 16.67 1.35
C THR A 253 16.91 16.47 2.75
N LEU A 254 16.80 17.49 3.60
CA LEU A 254 17.34 17.38 4.95
C LEU A 254 16.66 16.26 5.74
N LEU A 255 15.33 16.16 5.62
CA LEU A 255 14.61 15.11 6.31
C LEU A 255 15.06 13.73 5.86
N LEU A 256 15.08 13.50 4.54
CA LEU A 256 15.52 12.22 4.02
C LEU A 256 16.93 11.89 4.47
N LEU A 257 17.82 12.89 4.46
CA LEU A 257 19.17 12.67 4.97
C LEU A 257 19.12 12.19 6.41
N GLY A 258 18.32 12.84 7.25
CA GLY A 258 18.18 12.41 8.63
C GLY A 258 17.69 10.98 8.74
N MET A 259 16.78 10.58 7.85
CA MET A 259 16.23 9.23 7.89
C MET A 259 17.26 8.16 7.59
N GLY A 260 18.46 8.54 7.17
CA GLY A 260 19.50 7.58 6.86
C GLY A 260 19.57 7.17 5.41
N LEU A 261 18.88 7.87 4.52
CA LEU A 261 18.91 7.52 3.11
C LEU A 261 20.36 7.54 2.61
N ASP A 262 20.69 6.60 1.74
CA ASP A 262 22.06 6.41 1.30
C ASP A 262 22.35 7.05 -0.05
N GLU A 263 21.33 7.23 -0.88
CA GLU A 263 21.53 7.79 -2.22
C GLU A 263 20.35 8.67 -2.60
N PHE A 264 20.65 9.79 -3.25
CA PHE A 264 19.67 10.64 -3.88
C PHE A 264 19.87 10.58 -5.39
N SER A 265 18.77 10.51 -6.14
CA SER A 265 18.84 10.53 -7.59
C SER A 265 17.71 11.43 -8.08
N MET A 266 18.04 12.33 -8.99
CA MET A 266 17.10 13.36 -9.42
C MET A 266 17.47 13.80 -10.83
N SER A 267 16.69 14.75 -11.34
CA SER A 267 17.01 15.32 -12.65
C SER A 267 18.28 16.16 -12.48
N ALA A 268 19.24 15.95 -13.38
CA ALA A 268 20.51 16.65 -13.36
C ALA A 268 20.42 18.08 -12.83
N ILE A 269 19.44 18.83 -13.32
CA ILE A 269 19.37 20.26 -13.02
C ILE A 269 19.44 20.51 -11.52
N SER A 270 18.76 19.69 -10.73
CA SER A 270 18.64 19.93 -9.30
C SER A 270 19.85 19.46 -8.50
N ILE A 271 20.74 18.67 -9.10
CA ILE A 271 21.83 18.06 -8.32
C ILE A 271 22.59 19.08 -7.47
N PRO A 272 23.00 20.25 -7.99
CA PRO A 272 23.76 21.19 -7.16
C PRO A 272 23.07 21.58 -5.86
N ARG A 273 21.85 22.11 -5.93
CA ARG A 273 21.15 22.55 -4.74
C ARG A 273 21.21 21.49 -3.64
N ILE A 274 20.67 20.31 -3.92
CA ILE A 274 20.68 19.23 -2.94
C ILE A 274 22.09 19.04 -2.39
N LYS A 275 23.08 18.93 -3.27
CA LYS A 275 24.46 18.79 -2.83
C LYS A 275 24.75 19.79 -1.71
N LYS A 276 24.55 21.08 -2.00
CA LYS A 276 24.86 22.11 -1.01
C LYS A 276 24.24 21.79 0.34
N ILE A 277 22.94 21.47 0.36
CA ILE A 277 22.27 21.21 1.63
C ILE A 277 23.04 20.15 2.41
N ILE A 278 23.33 19.03 1.75
CA ILE A 278 24.00 17.92 2.44
C ILE A 278 25.35 18.37 2.98
N ARG A 279 26.05 19.22 2.23
CA ARG A 279 27.39 19.62 2.64
C ARG A 279 27.37 20.60 3.80
N ASN A 280 26.21 21.21 4.10
CA ASN A 280 26.11 22.20 5.18
C ASN A 280 25.18 21.75 6.30
N THR A 281 24.86 20.47 6.38
CA THR A 281 23.99 19.94 7.42
C THR A 281 24.75 18.94 8.28
N ASN A 282 24.33 18.84 9.54
CA ASN A 282 24.89 17.87 10.48
C ASN A 282 23.99 16.63 10.47
N PHE A 283 24.57 15.48 10.13
CA PHE A 283 23.76 14.28 9.94
C PHE A 283 23.06 13.84 11.21
N GLU A 284 23.73 13.96 12.36
CA GLU A 284 23.11 13.49 13.60
C GLU A 284 21.91 14.34 13.99
N ASP A 285 22.03 15.67 13.83
CA ASP A 285 20.90 16.54 14.10
C ASP A 285 19.72 16.23 13.18
N ALA A 286 20.01 15.99 11.90
CA ALA A 286 18.94 15.62 10.98
C ALA A 286 18.33 14.28 11.31
N LYS A 287 19.12 13.34 11.83
CA LYS A 287 18.58 12.05 12.25
C LYS A 287 17.62 12.24 13.42
N VAL A 288 18.02 13.06 14.39
CA VAL A 288 17.11 13.37 15.49
C VAL A 288 15.83 14.01 14.97
N LEU A 289 15.96 14.95 14.01
CA LEU A 289 14.79 15.59 13.43
C LEU A 289 13.86 14.55 12.81
N ALA A 290 14.41 13.64 12.01
CA ALA A 290 13.58 12.64 11.35
C ALA A 290 12.90 11.73 12.37
N GLU A 291 13.64 11.36 13.42
CA GLU A 291 13.06 10.55 14.49
C GLU A 291 11.85 11.24 15.11
N GLN A 292 11.99 12.53 15.43
CA GLN A 292 10.88 13.25 16.03
C GLN A 292 9.73 13.44 15.04
N ALA A 293 10.06 13.69 13.77
CA ALA A 293 9.03 13.99 12.78
C ALA A 293 8.19 12.75 12.48
N LEU A 294 8.82 11.66 12.09
CA LEU A 294 8.08 10.49 11.63
C LEU A 294 7.18 9.90 12.72
N ALA A 295 7.21 10.49 13.91
CA ALA A 295 6.30 10.12 14.99
C ALA A 295 5.02 10.96 15.01
N GLN A 296 4.87 11.93 14.10
CA GLN A 296 3.68 12.77 14.09
C GLN A 296 2.53 12.08 13.34
N PRO A 297 1.27 12.34 13.76
CA PRO A 297 0.13 11.67 13.11
C PRO A 297 -0.39 12.34 11.85
N THR A 298 -0.03 13.60 11.60
CA THR A 298 -0.53 14.33 10.44
C THR A 298 0.64 14.96 9.70
N THR A 299 0.45 15.16 8.38
CA THR A 299 1.49 15.79 7.57
C THR A 299 1.80 17.19 8.05
N ASP A 300 0.80 17.92 8.55
CA ASP A 300 1.00 19.32 8.88
C ASP A 300 1.92 19.50 10.09
N GLU A 301 1.73 18.68 11.13
CA GLU A 301 2.62 18.77 12.29
C GLU A 301 4.05 18.38 11.91
N LEU A 302 4.19 17.33 11.12
CA LEU A 302 5.48 16.91 10.60
C LEU A 302 6.17 18.06 9.88
N MET A 303 5.47 18.68 8.93
CA MET A 303 6.05 19.79 8.16
C MET A 303 6.37 20.97 9.06
N THR A 304 5.54 21.23 10.07
CA THR A 304 5.87 22.29 11.02
C THR A 304 7.25 22.04 11.61
N LEU A 305 7.48 20.82 12.10
CA LEU A 305 8.78 20.52 12.71
C LEU A 305 9.91 20.61 11.68
N VAL A 306 9.68 20.07 10.47
CA VAL A 306 10.72 20.09 9.44
C VAL A 306 11.10 21.51 9.07
N ASN A 307 10.11 22.37 8.80
CA ASN A 307 10.39 23.75 8.44
C ASN A 307 11.00 24.50 9.61
N LYS A 308 10.63 24.14 10.84
CA LYS A 308 11.26 24.76 12.00
C LYS A 308 12.75 24.46 12.01
N PHE A 309 13.11 23.20 11.72
CA PHE A 309 14.53 22.86 11.61
C PHE A 309 15.20 23.62 10.48
N ILE A 310 14.54 23.70 9.32
CA ILE A 310 15.08 24.45 8.19
C ILE A 310 15.25 25.92 8.53
N GLU A 311 14.55 26.40 9.56
CA GLU A 311 14.66 27.80 9.98
C GLU A 311 16.00 28.09 10.67
N GLU A 312 17.00 27.26 10.43
CA GLU A 312 18.33 27.47 11.02
C GLU A 312 19.42 27.04 10.05
N ALA B 2 -18.41 -18.72 21.04
CA ALA B 2 -17.21 -18.40 20.28
C ALA B 2 -16.02 -18.20 21.20
N ILE B 3 -15.68 -19.24 21.97
CA ILE B 3 -14.56 -19.20 22.89
C ILE B 3 -13.74 -20.48 22.72
N THR B 4 -12.42 -20.34 22.76
CA THR B 4 -11.54 -21.48 22.56
C THR B 4 -11.51 -22.35 23.81
N LEU B 5 -10.86 -23.51 23.68
CA LEU B 5 -10.74 -24.42 24.81
C LEU B 5 -9.84 -23.87 25.91
N ASP B 6 -9.01 -22.86 25.60
CA ASP B 6 -8.18 -22.20 26.61
C ASP B 6 -8.70 -20.83 27.00
N GLY B 7 -9.87 -20.42 26.52
CA GLY B 7 -10.56 -19.28 27.05
C GLY B 7 -10.41 -17.96 26.33
N HIS B 8 -10.09 -17.95 25.03
CA HIS B 8 -10.01 -16.72 24.27
C HIS B 8 -11.37 -16.43 23.64
N GLN B 9 -11.93 -15.26 23.96
CA GLN B 9 -13.24 -14.86 23.46
C GLN B 9 -13.09 -14.03 22.19
N VAL B 10 -13.89 -14.35 21.18
CA VAL B 10 -13.85 -13.64 19.90
C VAL B 10 -15.28 -13.47 19.42
N GLU B 11 -15.76 -12.22 19.41
CA GLU B 11 -17.11 -11.93 18.93
C GLU B 11 -17.16 -12.23 17.43
N VAL B 12 -17.93 -13.24 17.04
CA VAL B 12 -18.05 -13.66 15.65
C VAL B 12 -19.42 -13.21 15.14
N CYS B 13 -19.41 -12.41 14.08
CA CYS B 13 -20.60 -11.75 13.58
C CYS B 13 -20.84 -12.12 12.12
N ALA B 14 -21.81 -11.46 11.50
CA ALA B 14 -22.14 -11.66 10.09
C ALA B 14 -22.12 -10.31 9.38
N ASN B 15 -21.96 -10.35 8.06
CA ASN B 15 -22.19 -9.18 7.23
C ASN B 15 -23.56 -9.29 6.59
N ILE B 16 -24.26 -8.15 6.51
CA ILE B 16 -25.64 -8.09 6.03
C ILE B 16 -25.74 -6.97 5.00
N GLY B 17 -26.73 -7.10 4.11
CA GLY B 17 -26.95 -6.12 3.07
C GLY B 17 -28.28 -5.41 3.21
N THR B 18 -29.21 -6.02 3.94
CA THR B 18 -30.52 -5.43 4.19
C THR B 18 -31.10 -6.06 5.44
N VAL B 19 -32.24 -5.52 5.87
CA VAL B 19 -32.89 -6.00 7.09
C VAL B 19 -33.14 -7.51 6.99
N ARG B 20 -33.62 -7.97 5.83
CA ARG B 20 -34.02 -9.35 5.65
C ARG B 20 -32.92 -10.32 6.09
N ASP B 21 -31.70 -10.09 5.61
CA ASP B 21 -30.60 -11.02 5.87
C ASP B 21 -30.40 -11.30 7.35
N VAL B 22 -30.87 -10.42 8.24
CA VAL B 22 -30.67 -10.65 9.67
C VAL B 22 -31.13 -12.05 10.03
N GLU B 23 -32.27 -12.48 9.48
CA GLU B 23 -32.77 -13.81 9.80
C GLU B 23 -31.69 -14.86 9.58
N GLY B 24 -31.15 -14.90 8.36
CA GLY B 24 -30.17 -15.93 8.04
C GLY B 24 -28.99 -15.95 8.99
N ALA B 25 -28.63 -14.80 9.55
CA ALA B 25 -27.52 -14.76 10.49
C ALA B 25 -27.82 -15.57 11.74
N GLU B 26 -28.97 -15.29 12.37
CA GLU B 26 -29.24 -15.87 13.68
C GLU B 26 -29.42 -17.37 13.61
N ARG B 27 -29.96 -17.88 12.50
CA ARG B 27 -30.11 -19.32 12.35
C ARG B 27 -28.76 -20.03 12.46
N ASN B 28 -27.67 -19.37 12.06
CA ASN B 28 -26.37 -20.00 12.02
C ASN B 28 -25.53 -19.69 13.26
N GLY B 29 -26.12 -19.08 14.28
CA GLY B 29 -25.41 -18.77 15.49
C GLY B 29 -24.63 -17.48 15.45
N ALA B 30 -25.07 -16.51 14.64
CA ALA B 30 -24.40 -15.23 14.58
C ALA B 30 -24.47 -14.51 15.93
N GLU B 31 -23.34 -14.01 16.39
CA GLU B 31 -23.26 -13.28 17.64
C GLU B 31 -23.37 -11.76 17.45
N GLY B 32 -23.77 -11.31 16.26
CA GLY B 32 -23.87 -9.90 15.97
C GLY B 32 -23.70 -9.65 14.49
N VAL B 33 -23.67 -8.37 14.14
CA VAL B 33 -23.42 -7.91 12.77
C VAL B 33 -22.12 -7.11 12.78
N GLY B 34 -21.10 -7.64 12.11
CA GLY B 34 -19.81 -6.98 12.04
C GLY B 34 -19.69 -5.88 11.00
N LEU B 35 -20.64 -5.81 10.06
CA LEU B 35 -20.69 -4.72 9.09
C LEU B 35 -22.03 -4.74 8.37
N TYR B 36 -22.77 -3.63 8.43
CA TYR B 36 -24.01 -3.47 7.68
C TYR B 36 -23.70 -2.61 6.47
N ARG B 37 -23.58 -3.24 5.31
CA ARG B 37 -23.33 -2.53 4.07
C ARG B 37 -24.55 -1.68 3.71
N THR B 38 -24.35 -0.37 3.64
CA THR B 38 -25.43 0.59 3.43
C THR B 38 -25.60 1.02 1.98
N GLU B 39 -25.02 0.28 1.04
CA GLU B 39 -25.18 0.64 -0.37
C GLU B 39 -26.59 0.36 -0.87
N PHE B 40 -27.27 -0.63 -0.28
CA PHE B 40 -28.60 -1.02 -0.74
C PHE B 40 -29.53 0.19 -0.83
N LEU B 41 -29.36 1.16 0.07
CA LEU B 41 -30.23 2.33 0.08
C LEU B 41 -29.87 3.33 -1.01
N PHE B 42 -28.59 3.46 -1.35
CA PHE B 42 -28.17 4.47 -2.32
C PHE B 42 -28.35 3.99 -3.75
N MET B 43 -28.14 2.70 -3.99
CA MET B 43 -28.24 2.15 -5.34
C MET B 43 -29.70 2.11 -5.78
N ASP B 44 -29.90 2.14 -7.10
CA ASP B 44 -31.23 2.08 -7.69
C ASP B 44 -32.13 3.19 -7.14
N ARG B 45 -31.64 4.42 -7.24
CA ARG B 45 -32.42 5.60 -6.90
C ARG B 45 -32.12 6.71 -7.90
N ASP B 46 -32.93 7.75 -7.83
CA ASP B 46 -32.69 9.00 -8.57
C ASP B 46 -32.38 10.15 -7.62
N ALA B 47 -32.48 9.93 -6.31
CA ALA B 47 -32.16 10.95 -5.32
C ALA B 47 -31.54 10.27 -4.11
N LEU B 48 -30.77 11.05 -3.35
CA LEU B 48 -30.11 10.52 -2.18
C LEU B 48 -31.15 10.01 -1.18
N PRO B 49 -30.91 8.86 -0.54
CA PRO B 49 -31.85 8.39 0.50
C PRO B 49 -31.83 9.33 1.70
N THR B 50 -32.97 9.97 1.96
CA THR B 50 -33.06 10.94 3.04
C THR B 50 -32.74 10.29 4.38
N GLU B 51 -32.41 11.15 5.36
CA GLU B 51 -32.09 10.65 6.69
C GLU B 51 -33.22 9.84 7.28
N GLU B 52 -34.47 10.11 6.89
CA GLU B 52 -35.59 9.38 7.45
C GLU B 52 -35.63 7.93 6.97
N GLU B 53 -35.39 7.70 5.67
CA GLU B 53 -35.36 6.34 5.16
C GLU B 53 -34.24 5.53 5.81
N GLN B 54 -33.04 6.12 5.86
CA GLN B 54 -31.92 5.46 6.53
C GLN B 54 -32.23 5.21 8.00
N PHE B 55 -32.86 6.18 8.67
CA PHE B 55 -33.23 6.01 10.06
C PHE B 55 -34.17 4.84 10.24
N ALA B 56 -35.17 4.72 9.36
CA ALA B 56 -36.08 3.59 9.43
C ALA B 56 -35.35 2.26 9.26
N ALA B 57 -34.47 2.18 8.26
CA ALA B 57 -33.77 0.93 8.00
C ALA B 57 -32.84 0.56 9.16
N TYR B 58 -32.07 1.54 9.64
CA TYR B 58 -31.13 1.28 10.72
C TYR B 58 -31.85 0.93 12.01
N LYS B 59 -32.97 1.61 12.30
CA LYS B 59 -33.80 1.22 13.44
C LYS B 59 -34.27 -0.21 13.30
N ALA B 60 -34.76 -0.57 12.10
CA ALA B 60 -35.21 -1.94 11.87
C ALA B 60 -34.12 -2.93 12.24
N VAL B 61 -32.91 -2.72 11.74
CA VAL B 61 -31.83 -3.69 11.99
C VAL B 61 -31.45 -3.67 13.47
N ALA B 62 -31.22 -2.48 14.03
CA ALA B 62 -30.79 -2.37 15.43
C ALA B 62 -31.76 -3.08 16.36
N GLU B 63 -33.07 -2.93 16.12
CA GLU B 63 -34.04 -3.59 16.98
C GLU B 63 -34.19 -5.07 16.64
N ALA B 64 -33.95 -5.45 15.37
CA ALA B 64 -34.00 -6.86 15.01
C ALA B 64 -32.90 -7.64 15.72
N CYS B 65 -31.78 -6.98 16.02
CA CYS B 65 -30.69 -7.70 16.69
C CYS B 65 -30.96 -7.84 18.18
N GLY B 66 -31.36 -6.75 18.83
CA GLY B 66 -31.66 -6.79 20.26
C GLY B 66 -30.45 -6.38 21.09
N SER B 67 -29.97 -7.31 21.93
CA SER B 67 -28.83 -7.04 22.79
C SER B 67 -27.50 -7.08 22.03
N GLN B 68 -27.50 -7.54 20.79
CA GLN B 68 -26.27 -7.62 20.02
C GLN B 68 -25.89 -6.24 19.50
N ALA B 69 -24.59 -6.05 19.25
CA ALA B 69 -24.09 -4.81 18.67
C ALA B 69 -24.02 -4.95 17.16
N VAL B 70 -24.32 -3.85 16.46
CA VAL B 70 -24.34 -3.80 15.01
C VAL B 70 -23.41 -2.70 14.54
N ILE B 71 -22.47 -3.05 13.65
CA ILE B 71 -21.54 -2.10 13.06
C ILE B 71 -22.10 -1.70 11.70
N VAL B 72 -22.52 -0.45 11.56
CA VAL B 72 -22.99 0.09 10.29
C VAL B 72 -21.80 0.70 9.56
N ARG B 73 -21.65 0.34 8.28
CA ARG B 73 -20.56 0.81 7.44
C ARG B 73 -21.05 1.96 6.59
N THR B 74 -20.53 3.16 6.85
CA THR B 74 -20.87 4.32 6.04
C THR B 74 -20.71 4.00 4.56
N MET B 75 -21.33 4.82 3.70
CA MET B 75 -21.39 4.54 2.27
C MET B 75 -20.04 4.12 1.72
N ASP B 76 -20.06 3.11 0.85
CA ASP B 76 -18.88 2.63 0.15
C ASP B 76 -19.19 2.52 -1.35
N ILE B 77 -19.61 3.65 -1.93
CA ILE B 77 -19.93 3.72 -3.35
C ILE B 77 -18.66 3.95 -4.15
N GLY B 78 -18.72 3.61 -5.43
CA GLY B 78 -17.62 3.85 -6.33
C GLY B 78 -18.03 3.47 -7.74
N GLY B 79 -17.04 3.13 -8.55
CA GLY B 79 -17.32 2.58 -9.86
C GLY B 79 -17.21 3.58 -11.00
N ASP B 80 -17.08 3.04 -12.21
CA ASP B 80 -16.93 3.86 -13.41
C ASP B 80 -18.06 4.87 -13.53
N LYS B 81 -19.30 4.36 -13.56
CA LYS B 81 -20.48 5.23 -13.60
C LYS B 81 -21.70 4.35 -13.24
N GLU B 82 -22.04 4.32 -11.96
CA GLU B 82 -23.12 3.47 -11.47
C GLU B 82 -24.45 4.22 -11.44
N LEU B 83 -24.54 5.24 -10.60
CA LEU B 83 -25.76 6.04 -10.45
C LEU B 83 -25.61 7.40 -11.11
N PRO B 84 -26.35 7.69 -12.19
CA PRO B 84 -26.15 8.96 -12.89
C PRO B 84 -26.59 10.17 -12.08
N TYR B 85 -27.47 10.00 -11.09
CA TYR B 85 -27.91 11.14 -10.30
C TYR B 85 -26.80 11.67 -9.40
N MET B 86 -25.63 11.04 -9.42
CA MET B 86 -24.47 11.46 -8.66
C MET B 86 -23.50 12.30 -9.48
N ASN B 87 -23.73 12.37 -10.79
CA ASN B 87 -22.87 13.13 -11.71
C ASN B 87 -21.41 12.73 -11.51
N PHE B 88 -21.17 11.44 -11.72
CA PHE B 88 -19.83 10.90 -11.53
C PHE B 88 -18.87 11.51 -12.57
N PRO B 89 -17.59 11.62 -12.23
CA PRO B 89 -16.60 11.95 -13.27
C PRO B 89 -15.94 10.68 -13.78
N LYS B 90 -15.61 10.62 -15.06
CA LYS B 90 -14.88 9.49 -15.60
C LYS B 90 -13.42 9.61 -15.17
N GLU B 91 -12.86 8.50 -14.69
CA GLU B 91 -11.52 8.49 -14.13
C GLU B 91 -10.75 7.31 -14.70
N GLU B 92 -9.46 7.55 -15.01
CA GLU B 92 -8.63 6.49 -15.57
C GLU B 92 -8.50 5.31 -14.62
N ASN B 93 -8.56 5.56 -13.31
CA ASN B 93 -8.39 4.51 -12.31
C ASN B 93 -9.45 4.67 -11.23
N PRO B 94 -10.67 4.22 -11.50
CA PRO B 94 -11.73 4.38 -10.49
C PRO B 94 -11.41 3.69 -9.18
N PHE B 95 -10.74 2.55 -9.22
CA PHE B 95 -10.37 1.86 -7.99
C PHE B 95 -9.40 2.65 -7.14
N LEU B 96 -8.77 3.69 -7.71
CA LEU B 96 -7.76 4.48 -7.02
C LEU B 96 -8.12 5.96 -7.01
N GLY B 97 -9.37 6.30 -7.25
CA GLY B 97 -9.75 7.68 -7.44
C GLY B 97 -10.80 8.18 -6.47
N TRP B 98 -11.88 8.74 -7.02
CA TRP B 98 -12.90 9.42 -6.23
C TRP B 98 -13.82 8.36 -5.64
N ARG B 99 -13.40 7.82 -4.50
CA ARG B 99 -14.13 6.74 -3.85
C ARG B 99 -15.07 7.30 -2.78
N ALA B 100 -15.97 6.43 -2.31
CA ALA B 100 -17.00 6.79 -1.36
C ALA B 100 -16.55 7.74 -0.25
N ILE B 101 -15.81 7.23 0.73
CA ILE B 101 -15.45 8.00 1.93
C ILE B 101 -15.14 9.44 1.52
N ARG B 102 -14.36 9.59 0.45
CA ARG B 102 -14.06 10.91 -0.08
C ARG B 102 -15.30 11.53 -0.72
N ILE B 103 -16.04 10.76 -1.51
CA ILE B 103 -17.30 11.22 -2.08
C ILE B 103 -18.15 11.90 -1.01
N ALA B 104 -18.42 11.17 0.07
CA ALA B 104 -19.14 11.75 1.19
C ALA B 104 -18.51 13.05 1.63
N MET B 105 -17.17 13.07 1.80
CA MET B 105 -16.55 14.24 2.43
C MET B 105 -16.66 15.50 1.58
N ASP B 106 -16.55 15.39 0.26
CA ASP B 106 -16.64 16.60 -0.55
C ASP B 106 -18.07 16.90 -1.00
N ARG B 107 -18.96 15.92 -0.96
CA ARG B 107 -20.39 16.13 -1.18
C ARG B 107 -21.05 15.95 0.19
N ARG B 108 -20.94 16.99 1.01
CA ARG B 108 -21.19 16.87 2.45
C ARG B 108 -22.64 16.56 2.79
N GLU B 109 -23.60 16.87 1.91
CA GLU B 109 -24.99 16.52 2.18
C GLU B 109 -25.10 15.08 2.66
N ILE B 110 -24.33 14.20 2.03
CA ILE B 110 -24.32 12.78 2.36
C ILE B 110 -24.00 12.61 3.84
N LEU B 111 -22.93 13.24 4.31
CA LEU B 111 -22.55 13.11 5.72
C LEU B 111 -23.74 13.39 6.62
N ARG B 112 -24.25 14.62 6.61
CA ARG B 112 -25.31 14.96 7.56
C ARG B 112 -26.46 13.97 7.45
N ASP B 113 -26.95 13.71 6.23
CA ASP B 113 -28.05 12.76 6.10
C ASP B 113 -27.73 11.44 6.83
N GLN B 114 -26.63 10.80 6.45
CA GLN B 114 -26.32 9.45 6.91
C GLN B 114 -26.01 9.42 8.40
N LEU B 115 -25.15 10.34 8.86
CA LEU B 115 -24.75 10.36 10.27
C LEU B 115 -25.93 10.73 11.17
N ARG B 116 -26.78 11.67 10.75
CA ARG B 116 -27.96 11.97 11.54
C ARG B 116 -28.83 10.74 11.68
N ALA B 117 -29.06 10.03 10.56
CA ALA B 117 -29.87 8.81 10.62
C ALA B 117 -29.25 7.79 11.58
N ILE B 118 -27.93 7.57 11.48
CA ILE B 118 -27.30 6.55 12.30
C ILE B 118 -27.33 6.93 13.77
N LEU B 119 -27.02 8.19 14.09
CA LEU B 119 -27.06 8.62 15.49
C LEU B 119 -28.46 8.49 16.07
N ARG B 120 -29.48 8.88 15.30
CA ARG B 120 -30.85 8.73 15.79
C ARG B 120 -31.19 7.27 16.04
N ALA B 121 -30.81 6.38 15.11
CA ALA B 121 -31.09 4.96 15.29
C ALA B 121 -30.31 4.34 16.44
N SER B 122 -29.17 4.93 16.82
CA SER B 122 -28.38 4.35 17.90
C SER B 122 -29.12 4.34 19.23
N ALA B 123 -30.22 5.07 19.36
CA ALA B 123 -30.99 5.10 20.60
C ALA B 123 -31.82 3.84 20.82
N PHE B 124 -31.89 2.96 19.83
CA PHE B 124 -32.73 1.77 19.89
C PHE B 124 -31.90 0.49 19.86
N GLY B 125 -30.60 0.60 20.05
CA GLY B 125 -29.70 -0.54 20.07
C GLY B 125 -28.28 -0.03 20.17
N LYS B 126 -27.37 -0.95 20.41
CA LYS B 126 -25.95 -0.58 20.48
C LYS B 126 -25.43 -0.54 19.05
N LEU B 127 -25.33 0.66 18.49
CA LEU B 127 -24.85 0.86 17.14
C LEU B 127 -23.42 1.37 17.16
N ARG B 128 -22.67 1.00 16.13
CA ARG B 128 -21.29 1.44 15.94
C ARG B 128 -21.14 1.94 14.51
N ILE B 129 -20.30 2.94 14.31
CA ILE B 129 -20.09 3.56 13.00
C ILE B 129 -18.72 3.14 12.48
N MET B 130 -18.66 2.77 11.21
CA MET B 130 -17.42 2.34 10.57
C MET B 130 -17.23 3.10 9.27
N PHE B 131 -16.00 3.57 9.04
CA PHE B 131 -15.65 4.33 7.87
C PHE B 131 -14.74 3.53 6.95
N PRO B 132 -14.97 3.54 5.65
CA PRO B 132 -14.08 2.83 4.72
C PRO B 132 -12.98 3.73 4.19
N MET B 133 -11.93 3.08 3.66
CA MET B 133 -10.96 3.75 2.82
C MET B 133 -10.26 4.91 3.54
N ILE B 134 -10.19 4.85 4.87
CA ILE B 134 -9.45 5.87 5.61
C ILE B 134 -7.96 5.74 5.27
N ILE B 135 -7.30 6.88 5.06
CA ILE B 135 -5.87 6.89 4.78
C ILE B 135 -5.07 7.78 5.72
N SER B 136 -5.69 8.74 6.40
CA SER B 136 -4.95 9.74 7.15
C SER B 136 -5.71 10.12 8.41
N VAL B 137 -4.95 10.45 9.45
CA VAL B 137 -5.56 10.95 10.69
C VAL B 137 -6.29 12.26 10.44
N GLU B 138 -5.89 13.02 9.42
CA GLU B 138 -6.56 14.27 9.11
C GLU B 138 -8.03 14.04 8.77
N GLU B 139 -8.30 13.04 7.92
CA GLU B 139 -9.67 12.71 7.56
C GLU B 139 -10.49 12.30 8.78
N VAL B 140 -9.91 11.42 9.62
CA VAL B 140 -10.62 10.93 10.79
C VAL B 140 -10.91 12.07 11.75
N ARG B 141 -9.97 13.00 11.90
CA ARG B 141 -10.20 14.14 12.79
C ARG B 141 -11.32 15.03 12.27
N ALA B 142 -11.29 15.35 10.97
CA ALA B 142 -12.38 16.15 10.41
C ALA B 142 -13.73 15.46 10.63
N LEU B 143 -13.77 14.14 10.44
CA LEU B 143 -15.04 13.43 10.62
C LEU B 143 -15.48 13.39 12.07
N ARG B 144 -14.55 13.28 13.01
CA ARG B 144 -14.92 13.36 14.42
C ARG B 144 -15.49 14.75 14.75
N LYS B 145 -14.87 15.79 14.21
CA LYS B 145 -15.42 17.14 14.37
C LYS B 145 -16.86 17.18 13.86
N GLU B 146 -17.10 16.63 12.67
CA GLU B 146 -18.45 16.65 12.10
C GLU B 146 -19.42 15.81 12.93
N ILE B 147 -18.94 14.68 13.46
CA ILE B 147 -19.79 13.81 14.28
C ILE B 147 -20.23 14.56 15.54
N GLU B 148 -19.31 15.26 16.19
CA GLU B 148 -19.68 16.02 17.39
C GLU B 148 -20.59 17.19 17.02
N ILE B 149 -20.33 17.85 15.89
CA ILE B 149 -21.21 18.91 15.42
C ILE B 149 -22.63 18.39 15.30
N TYR B 150 -22.80 17.25 14.63
CA TYR B 150 -24.13 16.72 14.39
C TYR B 150 -24.75 16.13 15.65
N LYS B 151 -23.95 15.54 16.55
CA LYS B 151 -24.51 15.09 17.83
C LYS B 151 -25.07 16.26 18.63
N GLN B 152 -24.31 17.34 18.76
CA GLN B 152 -24.79 18.48 19.52
C GLN B 152 -25.99 19.14 18.83
N GLU B 153 -25.93 19.26 17.50
CA GLU B 153 -27.05 19.81 16.73
C GLU B 153 -28.29 18.95 16.90
N LEU B 154 -28.11 17.64 17.00
CA LEU B 154 -29.21 16.71 17.21
C LEU B 154 -29.76 16.83 18.62
N ARG B 155 -28.88 17.06 19.60
CA ARG B 155 -29.33 17.29 20.96
C ARG B 155 -30.25 18.50 21.03
N ASP B 156 -29.83 19.62 20.43
CA ASP B 156 -30.68 20.81 20.46
C ASP B 156 -31.99 20.58 19.70
N GLU B 157 -32.03 19.59 18.80
CA GLU B 157 -33.27 19.25 18.11
C GLU B 157 -34.18 18.35 18.94
N GLY B 158 -33.71 17.87 20.09
CA GLY B 158 -34.53 17.04 20.94
C GLY B 158 -34.61 15.59 20.57
N LYS B 159 -33.60 15.06 19.90
CA LYS B 159 -33.55 13.65 19.53
C LYS B 159 -32.59 12.92 20.48
N ALA B 160 -32.98 11.72 20.89
CA ALA B 160 -32.14 10.90 21.76
C ALA B 160 -31.22 10.02 20.93
N PHE B 161 -30.02 9.76 21.45
CA PHE B 161 -29.06 8.93 20.75
C PHE B 161 -28.12 8.33 21.79
N ASP B 162 -27.33 7.34 21.34
CA ASP B 162 -26.36 6.67 22.20
C ASP B 162 -25.17 7.61 22.38
N GLU B 163 -25.07 8.22 23.56
CA GLU B 163 -23.97 9.13 23.83
C GLU B 163 -22.63 8.41 23.78
N SER B 164 -22.62 7.11 24.10
CA SER B 164 -21.42 6.30 24.04
C SER B 164 -21.24 5.62 22.69
N ILE B 165 -21.79 6.20 21.63
CA ILE B 165 -21.70 5.58 20.31
C ILE B 165 -20.23 5.40 19.96
N GLU B 166 -19.88 4.18 19.57
CA GLU B 166 -18.49 3.83 19.27
C GLU B 166 -18.18 4.10 17.81
N ILE B 167 -16.96 4.58 17.56
CA ILE B 167 -16.50 4.92 16.22
C ILE B 167 -15.31 4.03 15.87
N GLY B 168 -15.24 3.59 14.61
CA GLY B 168 -14.16 2.75 14.15
C GLY B 168 -13.82 3.05 12.71
N VAL B 169 -12.67 2.51 12.30
CA VAL B 169 -12.14 2.69 10.95
C VAL B 169 -12.08 1.34 10.27
N MET B 170 -12.46 1.31 8.99
CA MET B 170 -12.25 0.12 8.15
C MET B 170 -10.90 0.28 7.48
N VAL B 171 -9.90 -0.40 8.02
CA VAL B 171 -8.53 -0.32 7.52
C VAL B 171 -8.42 -1.12 6.22
N GLU B 172 -8.58 -0.44 5.07
CA GLU B 172 -8.45 -1.09 3.78
C GLU B 172 -7.37 -0.48 2.90
N THR B 173 -6.64 0.55 3.39
CA THR B 173 -5.51 1.11 2.65
C THR B 173 -4.21 0.85 3.42
N PRO B 174 -3.10 0.61 2.72
CA PRO B 174 -1.82 0.43 3.43
C PRO B 174 -1.45 1.63 4.30
N ALA B 175 -1.87 2.83 3.90
CA ALA B 175 -1.61 4.00 4.72
C ALA B 175 -2.23 3.86 6.11
N ALA B 176 -3.52 3.54 6.16
CA ALA B 176 -4.18 3.35 7.46
C ALA B 176 -3.53 2.22 8.25
N ALA B 177 -3.06 1.18 7.57
CA ALA B 177 -2.40 0.08 8.26
C ALA B 177 -1.10 0.52 8.90
N THR B 178 -0.36 1.42 8.24
CA THR B 178 0.93 1.86 8.78
C THR B 178 0.74 2.82 9.94
N ILE B 179 -0.29 3.67 9.88
CA ILE B 179 -0.54 4.63 10.95
C ILE B 179 -1.59 4.08 11.89
N ALA B 180 -1.59 2.77 12.09
CA ALA B 180 -2.64 2.14 12.89
C ALA B 180 -2.57 2.59 14.35
N ARG B 181 -1.36 2.75 14.89
CA ARG B 181 -1.23 3.14 16.30
C ARG B 181 -1.80 4.54 16.54
N HIS B 182 -1.57 5.45 15.59
CA HIS B 182 -2.07 6.81 15.75
C HIS B 182 -3.59 6.87 15.56
N LEU B 183 -4.12 6.03 14.69
CA LEU B 183 -5.57 5.97 14.51
C LEU B 183 -6.25 5.37 15.73
N ALA B 184 -5.64 4.35 16.34
CA ALA B 184 -6.22 3.73 17.53
C ALA B 184 -6.28 4.68 18.72
N LYS B 185 -5.48 5.75 18.71
CA LYS B 185 -5.58 6.75 19.78
C LYS B 185 -6.77 7.68 19.60
N GLU B 186 -7.49 7.60 18.49
CA GLU B 186 -8.63 8.48 18.23
C GLU B 186 -9.95 7.75 18.11
N VAL B 187 -9.96 6.52 17.59
CA VAL B 187 -11.21 5.76 17.41
C VAL B 187 -11.22 4.56 18.35
N ASP B 188 -12.31 3.80 18.31
CA ASP B 188 -12.52 2.71 19.26
C ASP B 188 -12.19 1.34 18.70
N PHE B 189 -12.30 1.12 17.40
CA PHE B 189 -12.11 -0.22 16.85
C PHE B 189 -11.67 -0.13 15.40
N PHE B 190 -11.11 -1.25 14.92
CA PHE B 190 -10.74 -1.41 13.52
C PHE B 190 -11.52 -2.56 12.93
N SER B 191 -11.73 -2.50 11.62
CA SER B 191 -12.44 -3.57 10.91
C SER B 191 -11.89 -3.65 9.50
N ILE B 192 -11.08 -4.66 9.23
CA ILE B 192 -10.26 -4.68 8.03
C ILE B 192 -11.08 -5.19 6.85
N GLY B 193 -10.91 -4.54 5.70
CA GLY B 193 -11.61 -4.94 4.49
C GLY B 193 -10.65 -5.54 3.48
N THR B 194 -10.24 -6.80 3.72
CA THR B 194 -9.14 -7.38 2.95
C THR B 194 -9.35 -7.19 1.46
N ASN B 195 -10.60 -7.30 1.00
CA ASN B 195 -10.90 -7.18 -0.43
C ASN B 195 -10.07 -6.08 -1.06
N ASP B 196 -10.22 -4.85 -0.56
CA ASP B 196 -9.50 -3.71 -1.11
C ASP B 196 -8.07 -3.61 -0.61
N LEU B 197 -7.79 -4.04 0.63
CA LEU B 197 -6.45 -3.90 1.19
C LEU B 197 -5.43 -4.70 0.40
N THR B 198 -5.75 -5.95 0.07
CA THR B 198 -4.82 -6.76 -0.72
C THR B 198 -4.57 -6.13 -2.07
N GLN B 199 -5.64 -5.68 -2.75
CA GLN B 199 -5.51 -5.04 -4.04
C GLN B 199 -4.59 -3.82 -3.96
N TYR B 200 -4.70 -3.04 -2.88
CA TYR B 200 -3.87 -1.84 -2.77
C TYR B 200 -2.43 -2.18 -2.40
N THR B 201 -2.22 -3.19 -1.54
CA THR B 201 -0.86 -3.52 -1.11
C THR B 201 -0.07 -4.17 -2.25
N LEU B 202 -0.68 -5.11 -2.97
CA LEU B 202 0.01 -5.79 -4.05
C LEU B 202 -0.11 -5.08 -5.39
N ALA B 203 -0.85 -3.97 -5.46
CA ALA B 203 -1.02 -3.22 -6.70
C ALA B 203 -1.55 -4.11 -7.82
N VAL B 204 -2.66 -4.79 -7.54
CA VAL B 204 -3.26 -5.74 -8.46
C VAL B 204 -4.76 -5.51 -8.50
N ASP B 205 -5.32 -5.44 -9.70
CA ASP B 205 -6.76 -5.32 -9.90
C ASP B 205 -7.31 -6.73 -10.09
N ARG B 206 -8.14 -7.18 -9.14
CA ARG B 206 -8.68 -8.53 -9.23
C ARG B 206 -9.44 -8.73 -10.53
N GLY B 207 -10.11 -7.68 -11.02
CA GLY B 207 -10.88 -7.77 -12.24
C GLY B 207 -10.02 -7.58 -13.48
N ASN B 208 -8.75 -7.94 -13.38
CA ASN B 208 -7.81 -7.89 -14.49
C ASN B 208 -7.24 -9.30 -14.64
N ASP B 209 -7.77 -10.06 -15.61
CA ASP B 209 -7.42 -11.47 -15.73
C ASP B 209 -5.96 -11.70 -16.06
N MET B 210 -5.25 -10.67 -16.55
CA MET B 210 -3.87 -10.85 -16.96
C MET B 210 -2.95 -11.07 -15.76
N ILE B 211 -3.31 -10.54 -14.59
CA ILE B 211 -2.45 -10.64 -13.41
C ILE B 211 -3.30 -11.06 -12.22
N SER B 212 -4.48 -11.61 -12.48
CA SER B 212 -5.32 -12.10 -11.39
C SER B 212 -4.61 -13.16 -10.58
N HIS B 213 -3.70 -13.92 -11.21
CA HIS B 213 -2.95 -14.94 -10.49
C HIS B 213 -2.05 -14.37 -9.40
N LEU B 214 -1.89 -13.05 -9.36
CA LEU B 214 -1.05 -12.41 -8.36
C LEU B 214 -1.81 -11.97 -7.12
N TYR B 215 -3.14 -12.02 -7.14
CA TYR B 215 -3.94 -11.68 -5.97
C TYR B 215 -3.77 -12.76 -4.91
N GLN B 216 -3.07 -12.43 -3.83
CA GLN B 216 -2.78 -13.38 -2.76
C GLN B 216 -3.03 -12.71 -1.42
N PRO B 217 -4.26 -12.79 -0.91
CA PRO B 217 -4.52 -12.22 0.43
C PRO B 217 -3.77 -12.93 1.53
N MET B 218 -3.24 -14.13 1.27
CA MET B 218 -2.49 -14.90 2.26
C MET B 218 -0.99 -14.73 2.13
N SER B 219 -0.53 -13.64 1.51
CA SER B 219 0.90 -13.43 1.37
C SER B 219 1.47 -12.71 2.59
N PRO B 220 2.73 -12.96 2.93
CA PRO B 220 3.28 -12.34 4.16
C PRO B 220 3.15 -10.83 4.21
N SER B 221 3.15 -10.13 3.06
CA SER B 221 3.03 -8.68 3.08
C SER B 221 1.70 -8.24 3.70
N VAL B 222 0.59 -8.68 3.09
CA VAL B 222 -0.72 -8.26 3.57
C VAL B 222 -0.95 -8.75 5.00
N LEU B 223 -0.58 -10.01 5.27
CA LEU B 223 -0.81 -10.56 6.61
C LEU B 223 0.02 -9.86 7.66
N ASN B 224 1.23 -9.40 7.34
CA ASN B 224 2.01 -8.67 8.32
C ASN B 224 1.45 -7.26 8.53
N LEU B 225 0.93 -6.63 7.48
CA LEU B 225 0.17 -5.39 7.71
C LEU B 225 -1.02 -5.64 8.64
N ILE B 226 -1.71 -6.75 8.44
CA ILE B 226 -2.86 -7.08 9.28
C ILE B 226 -2.43 -7.22 10.73
N LYS B 227 -1.40 -8.02 10.98
CA LYS B 227 -0.89 -8.19 12.33
C LYS B 227 -0.45 -6.85 12.92
N GLN B 228 0.09 -5.96 12.09
CA GLN B 228 0.43 -4.63 12.55
C GLN B 228 -0.80 -3.91 13.08
N VAL B 229 -1.91 -3.99 12.33
CA VAL B 229 -3.14 -3.32 12.77
C VAL B 229 -3.66 -3.96 14.07
N ILE B 230 -3.64 -5.28 14.14
CA ILE B 230 -4.13 -5.97 15.35
C ILE B 230 -3.32 -5.54 16.56
N ASP B 231 -1.99 -5.57 16.47
CA ASP B 231 -1.16 -5.18 17.60
C ASP B 231 -1.30 -3.70 17.91
N ALA B 232 -1.60 -2.87 16.90
CA ALA B 232 -1.88 -1.46 17.17
C ALA B 232 -3.13 -1.30 18.01
N SER B 233 -4.20 -2.01 17.64
CA SER B 233 -5.44 -1.93 18.42
C SER B 233 -5.20 -2.43 19.85
N HIS B 234 -4.50 -3.56 20.00
CA HIS B 234 -4.26 -4.09 21.33
C HIS B 234 -3.35 -3.18 22.16
N ALA B 235 -2.41 -2.49 21.52
CA ALA B 235 -1.54 -1.57 22.25
C ALA B 235 -2.35 -0.45 22.90
N GLU B 236 -3.48 -0.09 22.31
CA GLU B 236 -4.37 0.93 22.84
C GLU B 236 -5.54 0.34 23.64
N GLY B 237 -5.45 -0.95 23.99
CA GLY B 237 -6.51 -1.59 24.75
C GLY B 237 -7.81 -1.77 24.01
N LYS B 238 -7.79 -1.67 22.69
CA LYS B 238 -8.98 -1.79 21.86
C LYS B 238 -8.95 -3.11 21.09
N TRP B 239 -9.75 -3.22 20.03
CA TRP B 239 -9.91 -4.47 19.33
C TRP B 239 -9.99 -4.23 17.82
N THR B 240 -9.71 -5.29 17.07
CA THR B 240 -9.73 -5.28 15.62
C THR B 240 -10.59 -6.44 15.13
N GLY B 241 -11.35 -6.20 14.07
CA GLY B 241 -12.18 -7.21 13.45
C GLY B 241 -11.73 -7.53 12.03
N MET B 242 -12.45 -8.46 11.42
CA MET B 242 -12.23 -8.88 10.04
C MET B 242 -13.57 -8.84 9.32
N CYS B 243 -13.62 -8.14 8.20
CA CYS B 243 -14.84 -8.04 7.41
C CYS B 243 -14.66 -8.43 5.95
N GLY B 244 -13.44 -8.68 5.50
CA GLY B 244 -13.24 -9.12 4.14
C GLY B 244 -13.72 -10.53 3.92
N GLU B 245 -13.76 -10.91 2.64
CA GLU B 245 -14.15 -12.27 2.28
C GLU B 245 -13.29 -13.29 3.01
N LEU B 246 -12.02 -12.95 3.25
CA LEU B 246 -11.08 -13.89 3.85
C LEU B 246 -11.57 -14.39 5.21
N ALA B 247 -12.39 -13.60 5.90
CA ALA B 247 -12.91 -14.03 7.19
C ALA B 247 -13.69 -15.34 7.06
N GLY B 248 -14.47 -15.48 6.00
CA GLY B 248 -15.25 -16.68 5.79
C GLY B 248 -14.48 -17.86 5.25
N ASP B 249 -13.16 -17.77 5.21
CA ASP B 249 -12.32 -18.85 4.69
C ASP B 249 -11.79 -19.68 5.85
N GLU B 250 -12.19 -20.95 5.90
CA GLU B 250 -11.67 -21.85 6.93
C GLU B 250 -10.18 -22.11 6.78
N ARG B 251 -9.62 -21.83 5.60
CA ARG B 251 -8.19 -22.03 5.39
C ARG B 251 -7.37 -21.06 6.22
N ALA B 252 -7.91 -19.87 6.51
CA ALA B 252 -7.18 -18.82 7.21
C ALA B 252 -7.68 -18.56 8.62
N THR B 253 -8.82 -19.13 9.01
CA THR B 253 -9.42 -18.79 10.29
C THR B 253 -8.49 -19.14 11.45
N LEU B 254 -7.90 -20.32 11.43
CA LEU B 254 -7.00 -20.73 12.51
C LEU B 254 -5.86 -19.73 12.66
N LEU B 255 -5.24 -19.36 11.53
CA LEU B 255 -4.13 -18.41 11.58
C LEU B 255 -4.61 -17.06 12.08
N LEU B 256 -5.72 -16.55 11.53
CA LEU B 256 -6.22 -15.26 11.96
C LEU B 256 -6.47 -15.23 13.47
N LEU B 257 -7.02 -16.31 14.02
CA LEU B 257 -7.14 -16.42 15.47
C LEU B 257 -5.76 -16.35 16.12
N GLY B 258 -4.79 -17.09 15.59
CA GLY B 258 -3.47 -17.06 16.17
C GLY B 258 -2.88 -15.67 16.24
N MET B 259 -3.15 -14.84 15.23
CA MET B 259 -2.62 -13.48 15.20
C MET B 259 -3.22 -12.58 16.27
N GLY B 260 -4.23 -13.03 17.00
CA GLY B 260 -4.87 -12.22 18.02
C GLY B 260 -6.10 -11.47 17.56
N LEU B 261 -6.64 -11.81 16.39
CA LEU B 261 -7.84 -11.15 15.89
C LEU B 261 -8.99 -11.28 16.88
N ASP B 262 -9.79 -10.21 16.99
CA ASP B 262 -10.86 -10.15 17.96
C ASP B 262 -12.25 -10.42 17.39
N GLU B 263 -12.46 -10.22 16.08
CA GLU B 263 -13.76 -10.42 15.48
C GLU B 263 -13.63 -10.98 14.07
N PHE B 264 -14.52 -11.90 13.74
CA PHE B 264 -14.72 -12.39 12.38
C PHE B 264 -16.11 -11.97 11.91
N SER B 265 -16.21 -11.59 10.64
CA SER B 265 -17.49 -11.24 10.05
C SER B 265 -17.60 -11.82 8.65
N MET B 266 -18.73 -12.45 8.34
CA MET B 266 -18.92 -13.16 7.09
C MET B 266 -20.40 -13.15 6.74
N SER B 267 -20.75 -13.75 5.59
CA SER B 267 -22.13 -13.81 5.17
C SER B 267 -22.97 -14.82 5.95
N ALA B 268 -22.52 -15.19 7.15
CA ALA B 268 -23.24 -16.08 8.06
C ALA B 268 -23.08 -17.55 7.73
N ILE B 269 -23.20 -17.93 6.45
CA ILE B 269 -23.24 -19.35 6.08
C ILE B 269 -22.08 -20.10 6.71
N SER B 270 -20.88 -19.52 6.69
CA SER B 270 -19.71 -20.22 7.19
C SER B 270 -19.57 -20.16 8.70
N ILE B 271 -20.35 -19.32 9.38
CA ILE B 271 -20.18 -19.13 10.83
C ILE B 271 -20.06 -20.45 11.56
N PRO B 272 -20.92 -21.45 11.33
CA PRO B 272 -20.79 -22.71 12.05
C PRO B 272 -19.39 -23.28 11.96
N ARG B 273 -18.90 -23.48 10.72
CA ARG B 273 -17.56 -24.02 10.52
C ARG B 273 -16.57 -23.29 11.41
N ILE B 274 -16.43 -21.97 11.19
CA ILE B 274 -15.48 -21.18 11.96
C ILE B 274 -15.69 -21.41 13.45
N LYS B 275 -16.95 -21.32 13.90
CA LYS B 275 -17.25 -21.53 15.31
C LYS B 275 -16.55 -22.79 15.82
N LYS B 276 -16.81 -23.91 15.17
CA LYS B 276 -16.19 -25.16 15.60
C LYS B 276 -14.69 -24.97 15.79
N ILE B 277 -14.03 -24.46 14.75
CA ILE B 277 -12.58 -24.33 14.78
C ILE B 277 -12.12 -23.56 16.01
N ILE B 278 -12.72 -22.38 16.25
CA ILE B 278 -12.24 -21.57 17.37
C ILE B 278 -12.43 -22.34 18.68
N ARG B 279 -13.55 -23.05 18.81
CA ARG B 279 -13.80 -23.80 20.03
C ARG B 279 -12.96 -25.06 20.13
N ASN B 280 -12.33 -25.49 19.04
CA ASN B 280 -11.53 -26.71 19.02
C ASN B 280 -10.04 -26.41 18.82
N THR B 281 -9.63 -25.16 18.95
CA THR B 281 -8.24 -24.75 18.80
C THR B 281 -7.76 -24.10 20.10
N ASN B 282 -6.45 -24.19 20.34
CA ASN B 282 -5.82 -23.55 21.48
C ASN B 282 -5.25 -22.22 21.04
N PHE B 283 -5.71 -21.13 21.68
CA PHE B 283 -5.32 -19.79 21.24
C PHE B 283 -3.81 -19.58 21.39
N GLU B 284 -3.21 -20.12 22.44
CA GLU B 284 -1.77 -19.95 22.64
C GLU B 284 -0.97 -20.71 21.58
N ASP B 285 -1.40 -21.93 21.27
CA ASP B 285 -0.75 -22.69 20.20
C ASP B 285 -0.92 -21.98 18.86
N ALA B 286 -2.09 -21.43 18.60
CA ALA B 286 -2.30 -20.66 17.37
C ALA B 286 -1.44 -19.40 17.37
N LYS B 287 -1.19 -18.81 18.54
CA LYS B 287 -0.31 -17.66 18.63
C LYS B 287 1.10 -18.03 18.22
N VAL B 288 1.61 -19.15 18.74
CA VAL B 288 2.93 -19.63 18.34
C VAL B 288 2.95 -19.91 16.83
N LEU B 289 1.88 -20.55 16.33
CA LEU B 289 1.80 -20.85 14.91
C LEU B 289 1.90 -19.59 14.07
N ALA B 290 1.12 -18.57 14.42
CA ALA B 290 1.14 -17.33 13.65
C ALA B 290 2.49 -16.63 13.77
N GLU B 291 3.10 -16.64 14.95
CA GLU B 291 4.41 -16.03 15.12
C GLU B 291 5.42 -16.64 14.17
N GLN B 292 5.51 -17.98 14.14
CA GLN B 292 6.48 -18.60 13.24
C GLN B 292 6.07 -18.46 11.78
N ALA B 293 4.76 -18.48 11.49
CA ALA B 293 4.31 -18.43 10.10
C ALA B 293 4.61 -17.08 9.46
N LEU B 294 4.12 -16.00 10.07
CA LEU B 294 4.26 -14.67 9.47
C LEU B 294 5.70 -14.22 9.33
N ALA B 295 6.64 -15.03 9.80
CA ALA B 295 8.07 -14.76 9.61
C ALA B 295 8.63 -15.38 8.34
N GLN B 296 7.81 -16.11 7.57
CA GLN B 296 8.30 -16.73 6.35
C GLN B 296 8.29 -15.72 5.19
N PRO B 297 9.26 -15.84 4.27
CA PRO B 297 9.35 -14.87 3.17
C PRO B 297 8.46 -15.16 1.97
N THR B 298 7.87 -16.34 1.86
CA THR B 298 7.09 -16.71 0.68
C THR B 298 5.70 -17.17 1.08
N THR B 299 4.74 -16.92 0.17
CA THR B 299 3.37 -17.35 0.40
C THR B 299 3.31 -18.87 0.50
N ASP B 300 4.13 -19.58 -0.27
CA ASP B 300 4.06 -21.03 -0.30
C ASP B 300 4.54 -21.64 1.01
N GLU B 301 5.64 -21.12 1.56
CA GLU B 301 6.13 -21.61 2.85
C GLU B 301 5.12 -21.34 3.96
N LEU B 302 4.51 -20.14 3.94
CA LEU B 302 3.44 -19.83 4.89
C LEU B 302 2.31 -20.85 4.79
N MET B 303 1.81 -21.10 3.59
CA MET B 303 0.72 -22.06 3.42
C MET B 303 1.16 -23.45 3.86
N THR B 304 2.41 -23.81 3.60
CA THR B 304 2.94 -25.10 4.05
C THR B 304 2.81 -25.24 5.56
N LEU B 305 3.28 -24.22 6.30
CA LEU B 305 3.18 -24.31 7.76
C LEU B 305 1.72 -24.32 8.22
N VAL B 306 0.88 -23.50 7.58
CA VAL B 306 -0.52 -23.41 7.98
C VAL B 306 -1.18 -24.78 7.85
N ASN B 307 -1.04 -25.42 6.70
CA ASN B 307 -1.62 -26.74 6.51
C ASN B 307 -0.93 -27.80 7.36
N LYS B 308 0.36 -27.64 7.66
CA LYS B 308 1.04 -28.57 8.54
C LYS B 308 0.40 -28.58 9.93
N PHE B 309 0.00 -27.41 10.43
CA PHE B 309 -0.66 -27.40 11.74
C PHE B 309 -1.89 -28.31 11.73
N ILE B 310 -2.68 -28.25 10.67
CA ILE B 310 -3.82 -29.15 10.51
C ILE B 310 -3.33 -30.59 10.37
S SO4 C . 9.69 7.27 -13.17
O1 SO4 C . 10.26 5.99 -13.58
O2 SO4 C . 10.41 8.36 -13.80
O3 SO4 C . 9.79 7.40 -11.71
O4 SO4 C . 8.28 7.32 -13.57
S SO4 D . -17.56 -4.86 0.02
O1 SO4 D . -16.29 -5.02 -0.68
O2 SO4 D . -17.36 -4.01 1.19
O3 SO4 D . -18.06 -6.16 0.45
O4 SO4 D . -18.54 -4.24 -0.87
#